data_4AIE
#
_entry.id   4AIE
#
_cell.length_a   55.830
_cell.length_b   107.250
_cell.length_c   103.610
_cell.angle_alpha   90.00
_cell.angle_beta   90.00
_cell.angle_gamma   90.00
#
_symmetry.space_group_name_H-M   'P 21 21 2'
#
loop_
_entity.id
_entity.type
_entity.pdbx_description
1 polymer 'GLUCAN 1,6-ALPHA-GLUCOSIDASE'
2 non-polymer '2-(N-MORPHOLINO)-ETHANESULFONIC ACID'
3 non-polymer 'CALCIUM ION'
4 non-polymer GLYCEROL
5 water water
#
_entity_poly.entity_id   1
_entity_poly.type   'polypeptide(L)'
_entity_poly.pdbx_seq_one_letter_code
;MASASWWKNAVVYQVYPKSFQDSNGDGIGDLQGIISRLDYLEKLGIDAIWLSPVYQSPGVDNGYDISDYEAIDPQYGTMA
DMDELISKAKEHHIKIVMDLVVNHTSDQHKWFVEAKKGKDNQYRDYYIWRDPVDEHEPNDLKSAFSGSAWKYDERSGQYY
LHFFADQQPDLNWQNTELRQKIYNMMNFWLDKGIGGFRMDVIELIGKDPDKNIRENGPMLHPYLQEMNKATFGKRDVMTV
GETWNATPKIAEEYSDPDRHELSMVFQFENQSLDQQPGKEKWDLKPLDLGELKKVLVKWQTKIDFDHAWNSLFWENHDIP
RVISRWGNDQEYRVQCAKMFAIILHMMHGTPYIFNGEEIGMTNCPVKNIDEVEDIESINMYNERLAEGYDEEELIHAINV
KGRDNARRPMQWNDEKNAGFSEVDPWLSVNPNYKDINVENALADPNSIFYTYQKLIKLRHENPIVVDGDFSLVSNTQDAV
LAYYRILNDKKWLVVANLSNEEQNFVSNDQIETILSNYPERNNVQNITLKPYEAFISKVIELEHHHHHH
;
_entity_poly.pdbx_strand_id   A
#
# COMPACT_ATOMS: atom_id res chain seq x y z
N ALA A 4 20.13 14.45 -6.83
CA ALA A 4 19.36 13.23 -6.61
C ALA A 4 17.87 13.54 -6.47
N SER A 5 17.05 12.81 -7.21
CA SER A 5 15.62 13.07 -7.19
C SER A 5 15.07 12.94 -5.77
N TRP A 6 14.18 13.85 -5.41
CA TRP A 6 13.82 14.08 -4.03
C TRP A 6 13.25 12.82 -3.36
N TRP A 7 12.59 11.95 -4.13
CA TRP A 7 11.90 10.80 -3.52
C TRP A 7 12.84 9.66 -3.11
N LYS A 8 14.09 9.70 -3.60
CA LYS A 8 15.11 8.73 -3.18
C LYS A 8 15.39 8.85 -1.70
N ASN A 9 15.28 10.08 -1.21
CA ASN A 9 15.60 10.44 0.17
CA ASN A 9 15.60 10.43 0.17
C ASN A 9 14.37 10.49 1.07
N ALA A 10 13.18 10.28 0.48
CA ALA A 10 11.92 10.56 1.16
C ALA A 10 11.35 9.40 1.94
N VAL A 11 10.50 9.73 2.89
CA VAL A 11 9.62 8.75 3.50
C VAL A 11 8.18 9.17 3.21
N VAL A 12 7.40 8.23 2.70
CA VAL A 12 6.02 8.48 2.32
C VAL A 12 5.07 7.91 3.37
N TYR A 13 3.99 8.66 3.66
CA TYR A 13 2.98 8.25 4.64
C TYR A 13 1.63 8.12 3.93
N GLN A 14 0.99 6.96 4.04
CA GLN A 14 -0.31 6.77 3.38
C GLN A 14 -1.46 7.14 4.31
N VAL A 15 -2.27 8.11 3.87
CA VAL A 15 -3.50 8.44 4.57
C VAL A 15 -4.66 7.81 3.83
N TYR A 16 -5.44 7.00 4.56
CA TYR A 16 -6.73 6.50 4.09
C TYR A 16 -7.82 7.49 4.57
N PRO A 17 -8.32 8.36 3.67
CA PRO A 17 -8.98 9.59 4.15
C PRO A 17 -10.27 9.37 4.95
N LYS A 18 -11.06 8.38 4.59
CA LYS A 18 -12.32 8.10 5.29
C LYS A 18 -12.10 7.79 6.74
N SER A 19 -10.91 7.29 7.06
CA SER A 19 -10.60 6.80 8.40
C SER A 19 -9.55 7.60 9.16
N PHE A 20 -9.10 8.73 8.63
CA PHE A 20 -7.99 9.44 9.27
C PHE A 20 -8.47 10.43 10.36
N GLN A 21 -9.26 11.42 9.97
CA GLN A 21 -9.76 12.43 10.92
C GLN A 21 -11.04 13.11 10.43
N ASP A 22 -12.14 12.87 11.13
CA ASP A 22 -13.41 13.57 10.89
C ASP A 22 -13.28 14.94 11.53
N SER A 23 -13.68 15.99 10.82
CA SER A 23 -13.60 17.33 11.37
C SER A 23 -14.95 18.01 11.42
N ASN A 24 -15.99 17.37 10.88
CA ASN A 24 -17.28 18.03 10.82
C ASN A 24 -18.45 17.16 11.32
N GLY A 25 -18.15 16.05 11.99
CA GLY A 25 -19.15 15.33 12.75
C GLY A 25 -20.08 14.43 11.96
N ASP A 26 -19.62 13.87 10.85
CA ASP A 26 -20.45 12.91 10.14
C ASP A 26 -19.87 11.51 10.23
N GLY A 27 -18.79 11.31 10.99
CA GLY A 27 -18.27 9.96 11.17
C GLY A 27 -17.38 9.50 10.03
N ILE A 28 -17.10 10.40 9.11
CA ILE A 28 -16.26 10.10 7.95
C ILE A 28 -15.06 11.02 7.94
N GLY A 29 -13.84 10.50 7.83
CA GLY A 29 -12.69 11.37 7.70
C GLY A 29 -12.74 12.27 6.48
N ASP A 30 -12.17 13.47 6.58
CA ASP A 30 -12.28 14.46 5.52
C ASP A 30 -10.96 15.26 5.37
N LEU A 31 -10.95 16.12 4.36
CA LEU A 31 -9.75 16.86 4.01
C LEU A 31 -9.32 17.87 5.07
N GLN A 32 -10.29 18.54 5.69
CA GLN A 32 -9.93 19.51 6.72
C GLN A 32 -9.34 18.74 7.91
N GLY A 33 -9.82 17.52 8.13
CA GLY A 33 -9.28 16.69 9.19
C GLY A 33 -7.81 16.38 8.95
N ILE A 34 -7.45 16.08 7.70
CA ILE A 34 -6.06 15.81 7.36
C ILE A 34 -5.24 17.06 7.58
N ILE A 35 -5.74 18.18 7.08
CA ILE A 35 -5.09 19.47 7.29
C ILE A 35 -4.80 19.71 8.78
N SER A 36 -5.75 19.36 9.66
CA SER A 36 -5.58 19.64 11.07
C SER A 36 -4.52 18.75 11.71
N ARG A 37 -4.03 17.74 10.99
CA ARG A 37 -3.01 16.85 11.55
C ARG A 37 -1.64 16.97 10.85
N LEU A 38 -1.46 18.02 10.05
CA LEU A 38 -0.19 18.22 9.36
C LEU A 38 0.99 18.48 10.33
N ASP A 39 0.73 19.11 11.48
CA ASP A 39 1.79 19.36 12.49
C ASP A 39 2.33 18.04 13.00
N TYR A 40 1.41 17.11 13.26
CA TYR A 40 1.77 15.77 13.69
C TYR A 40 2.63 15.06 12.64
N LEU A 41 2.20 15.08 11.39
CA LEU A 41 2.97 14.41 10.35
C LEU A 41 4.36 15.04 10.15
N GLU A 42 4.46 16.37 10.35
CA GLU A 42 5.75 17.01 10.23
C GLU A 42 6.62 16.59 11.42
N LYS A 43 6.02 16.46 12.58
CA LYS A 43 6.76 15.99 13.75
C LYS A 43 7.35 14.61 13.47
N LEU A 44 6.54 13.74 12.87
CA LEU A 44 7.01 12.40 12.56
C LEU A 44 8.17 12.54 11.54
N GLY A 45 8.01 13.49 10.63
CA GLY A 45 9.08 13.85 9.70
C GLY A 45 8.90 13.33 8.28
N ILE A 46 7.69 12.94 7.93
CA ILE A 46 7.46 12.39 6.58
C ILE A 46 7.47 13.49 5.52
N ASP A 47 7.75 13.10 4.28
CA ASP A 47 8.01 14.03 3.18
C ASP A 47 6.89 14.12 2.18
N ALA A 48 6.02 13.13 2.20
CA ALA A 48 4.90 13.10 1.26
C ALA A 48 3.76 12.24 1.82
N ILE A 49 2.54 12.66 1.54
CA ILE A 49 1.37 11.85 1.87
C ILE A 49 0.86 11.21 0.59
N TRP A 50 0.82 9.88 0.54
CA TRP A 50 -0.02 9.20 -0.46
C TRP A 50 -1.45 9.23 0.06
N LEU A 51 -2.28 9.99 -0.63
CA LEU A 51 -3.67 10.14 -0.29
C LEU A 51 -4.51 9.11 -1.09
N SER A 52 -5.15 8.18 -0.41
CA SER A 52 -6.08 7.28 -1.10
C SER A 52 -7.21 8.13 -1.66
N PRO A 53 -8.03 7.55 -2.56
CA PRO A 53 -8.89 8.35 -3.45
C PRO A 53 -9.90 9.22 -2.68
N VAL A 54 -9.98 10.49 -3.06
CA VAL A 54 -10.99 11.40 -2.53
C VAL A 54 -11.91 11.95 -3.63
N TYR A 55 -11.88 11.33 -4.81
CA TYR A 55 -12.70 11.77 -5.93
C TYR A 55 -14.14 11.33 -5.74
N GLN A 56 -15.04 12.01 -6.44
CA GLN A 56 -16.45 11.63 -6.50
C GLN A 56 -16.57 10.15 -6.82
N SER A 57 -17.39 9.44 -6.06
CA SER A 57 -17.41 7.98 -6.06
C SER A 57 -18.63 7.48 -5.32
N PRO A 58 -19.40 6.55 -5.92
CA PRO A 58 -20.50 5.87 -5.21
C PRO A 58 -20.02 5.00 -4.03
N GLY A 59 -18.73 4.67 -3.94
CA GLY A 59 -18.24 4.00 -2.75
C GLY A 59 -18.39 2.48 -2.73
N VAL A 60 -18.70 1.86 -3.87
CA VAL A 60 -18.85 0.41 -3.91
C VAL A 60 -17.55 -0.24 -3.50
N ASP A 61 -16.43 0.34 -3.93
CA ASP A 61 -15.10 -0.12 -3.49
C ASP A 61 -14.40 1.02 -2.75
N ASN A 62 -15.17 1.70 -1.90
CA ASN A 62 -14.65 2.74 -1.01
C ASN A 62 -13.74 3.75 -1.67
N GLY A 63 -14.12 4.19 -2.85
CA GLY A 63 -13.43 5.29 -3.52
C GLY A 63 -12.63 4.87 -4.74
N TYR A 64 -12.36 3.58 -4.90
CA TYR A 64 -11.63 3.12 -6.09
C TYR A 64 -12.57 2.90 -7.30
N ASP A 65 -13.85 3.23 -7.11
CA ASP A 65 -14.84 3.27 -8.20
C ASP A 65 -15.22 4.73 -8.41
N ILE A 66 -14.51 5.38 -9.33
CA ILE A 66 -14.58 6.83 -9.48
C ILE A 66 -15.57 7.23 -10.58
N SER A 67 -16.52 8.10 -10.23
CA SER A 67 -17.48 8.62 -11.18
C SER A 67 -17.11 10.00 -11.77
N ASP A 68 -16.11 10.68 -11.21
CA ASP A 68 -15.60 11.94 -11.79
C ASP A 68 -14.18 12.18 -11.30
N TYR A 69 -13.21 12.12 -12.22
CA TYR A 69 -11.80 12.21 -11.87
C TYR A 69 -11.39 13.61 -11.42
N GLU A 70 -12.24 14.60 -11.69
CA GLU A 70 -11.81 15.98 -11.49
C GLU A 70 -12.80 16.70 -10.59
N ALA A 71 -13.44 15.91 -9.72
CA ALA A 71 -14.32 16.43 -8.68
C ALA A 71 -14.03 15.68 -7.36
N ILE A 72 -14.05 16.43 -6.27
CA ILE A 72 -13.85 15.90 -4.94
C ILE A 72 -15.15 15.37 -4.43
N ASP A 73 -15.14 14.18 -3.83
CA ASP A 73 -16.39 13.67 -3.31
C ASP A 73 -16.85 14.54 -2.13
N PRO A 74 -18.14 14.91 -2.08
CA PRO A 74 -18.55 15.87 -1.06
C PRO A 74 -18.36 15.36 0.37
N GLN A 75 -18.25 14.05 0.56
CA GLN A 75 -18.00 13.56 1.90
C GLN A 75 -16.60 13.91 2.41
N TYR A 76 -15.70 14.34 1.54
CA TYR A 76 -14.38 14.79 1.99
C TYR A 76 -14.22 16.32 2.04
N GLY A 77 -15.14 17.04 1.42
CA GLY A 77 -15.08 18.49 1.35
C GLY A 77 -15.19 18.92 -0.10
N THR A 78 -14.43 19.95 -0.45
CA THR A 78 -14.48 20.57 -1.76
C THR A 78 -13.09 20.69 -2.38
N MET A 79 -13.05 21.10 -3.64
CA MET A 79 -11.79 21.34 -4.34
C MET A 79 -10.99 22.42 -3.63
N ALA A 80 -11.68 23.42 -3.08
CA ALA A 80 -11.01 24.41 -2.26
C ALA A 80 -10.30 23.73 -1.10
N ASP A 81 -10.89 22.68 -0.52
CA ASP A 81 -10.23 21.99 0.60
C ASP A 81 -9.00 21.20 0.11
N MET A 82 -9.13 20.61 -1.07
CA MET A 82 -8.01 19.89 -1.70
C MET A 82 -6.86 20.84 -2.00
N ASP A 83 -7.18 21.98 -2.60
CA ASP A 83 -6.14 22.99 -2.87
C ASP A 83 -5.47 23.43 -1.55
N GLU A 84 -6.25 23.68 -0.50
CA GLU A 84 -5.68 24.10 0.77
C GLU A 84 -4.76 23.04 1.39
N LEU A 85 -5.15 21.77 1.28
CA LEU A 85 -4.29 20.69 1.79
C LEU A 85 -2.94 20.69 1.06
N ILE A 86 -2.97 20.76 -0.27
CA ILE A 86 -1.73 20.84 -1.05
C ILE A 86 -0.86 22.01 -0.55
N SER A 87 -1.48 23.18 -0.39
CA SER A 87 -0.75 24.39 -0.01
C SER A 87 -0.24 24.34 1.44
N LYS A 88 -1.11 23.93 2.37
CA LYS A 88 -0.70 23.79 3.76
C LYS A 88 0.34 22.69 3.90
N ALA A 89 0.14 21.56 3.24
CA ALA A 89 1.11 20.48 3.34
C ALA A 89 2.49 20.99 2.90
N LYS A 90 2.52 21.74 1.80
CA LYS A 90 3.78 22.27 1.29
C LYS A 90 4.50 23.12 2.36
N GLU A 91 3.74 23.87 3.14
CA GLU A 91 4.30 24.72 4.17
C GLU A 91 4.96 23.87 5.23
N HIS A 92 4.49 22.64 5.39
CA HIS A 92 5.08 21.67 6.31
C HIS A 92 6.13 20.78 5.65
N HIS A 93 6.56 21.13 4.44
CA HIS A 93 7.50 20.31 3.67
C HIS A 93 6.95 18.89 3.37
N ILE A 94 5.68 18.82 2.99
CA ILE A 94 5.05 17.56 2.68
C ILE A 94 4.37 17.72 1.33
N LYS A 95 4.72 16.86 0.37
CA LYS A 95 4.06 16.81 -0.92
C LYS A 95 2.84 15.89 -0.85
N ILE A 96 1.88 16.10 -1.76
CA ILE A 96 0.68 15.26 -1.85
C ILE A 96 0.78 14.38 -3.09
N VAL A 97 0.72 13.07 -2.89
CA VAL A 97 0.74 12.08 -3.96
C VAL A 97 -0.69 11.53 -4.10
N MET A 98 -1.30 11.77 -5.25
CA MET A 98 -2.68 11.36 -5.47
C MET A 98 -2.74 9.96 -6.00
N ASP A 99 -3.86 9.29 -5.72
CA ASP A 99 -4.08 7.92 -6.16
C ASP A 99 -4.73 8.00 -7.55
N LEU A 100 -4.02 7.46 -8.54
CA LEU A 100 -4.46 7.50 -9.93
C LEU A 100 -5.07 6.16 -10.24
N VAL A 101 -6.37 6.17 -10.53
CA VAL A 101 -7.13 4.94 -10.73
C VAL A 101 -7.69 4.92 -12.15
N VAL A 102 -6.90 4.46 -13.10
CA VAL A 102 -7.27 4.61 -14.50
C VAL A 102 -7.38 3.28 -15.26
N ASN A 103 -7.42 2.16 -14.54
CA ASN A 103 -7.74 0.89 -15.19
C ASN A 103 -9.23 0.75 -15.44
N HIS A 104 -10.03 1.43 -14.62
CA HIS A 104 -11.47 1.25 -14.65
C HIS A 104 -12.11 2.46 -14.01
N THR A 105 -13.39 2.66 -14.29
CA THR A 105 -14.15 3.74 -13.67
C THR A 105 -15.32 3.15 -12.94
N SER A 106 -15.99 3.98 -12.14
CA SER A 106 -17.34 3.70 -11.72
C SER A 106 -18.26 3.49 -12.93
N ASP A 107 -19.29 2.66 -12.75
CA ASP A 107 -20.34 2.52 -13.73
C ASP A 107 -21.25 3.73 -13.69
N GLN A 108 -21.00 4.66 -12.77
CA GLN A 108 -21.72 5.94 -12.77
C GLN A 108 -20.87 7.07 -13.39
N HIS A 109 -19.68 6.74 -13.87
CA HIS A 109 -18.91 7.72 -14.62
C HIS A 109 -19.69 8.06 -15.89
N LYS A 110 -19.69 9.32 -16.28
CA LYS A 110 -20.39 9.74 -17.49
C LYS A 110 -20.05 8.88 -18.73
N TRP A 111 -18.75 8.61 -18.95
CA TRP A 111 -18.32 7.73 -20.02
C TRP A 111 -19.06 6.41 -20.07
N PHE A 112 -19.27 5.78 -18.93
CA PHE A 112 -19.99 4.50 -18.92
C PHE A 112 -21.51 4.69 -19.00
N VAL A 113 -22.04 5.73 -18.38
CA VAL A 113 -23.44 6.02 -18.54
C VAL A 113 -23.73 6.15 -20.03
N GLU A 114 -22.83 6.82 -20.73
CA GLU A 114 -22.95 6.97 -22.18
C GLU A 114 -22.75 5.63 -22.89
N ALA A 115 -21.66 4.93 -22.62
CA ALA A 115 -21.37 3.70 -23.34
C ALA A 115 -22.51 2.67 -23.25
N LYS A 116 -23.13 2.63 -22.07
CA LYS A 116 -24.25 1.73 -21.76
C LYS A 116 -25.44 1.94 -22.67
N LYS A 117 -25.53 3.12 -23.26
CA LYS A 117 -26.70 3.44 -24.07
C LYS A 117 -26.82 2.53 -25.31
N GLY A 118 -25.70 2.12 -25.88
CA GLY A 118 -25.76 1.25 -27.04
C GLY A 118 -24.48 1.21 -27.83
N LYS A 119 -24.42 0.25 -28.75
CA LYS A 119 -23.20 -0.04 -29.50
C LYS A 119 -22.69 1.13 -30.32
N ASP A 120 -23.57 2.06 -30.70
CA ASP A 120 -23.14 3.17 -31.54
C ASP A 120 -22.97 4.49 -30.77
N ASN A 121 -23.13 4.45 -29.45
CA ASN A 121 -22.73 5.60 -28.64
C ASN A 121 -21.24 5.91 -28.84
N GLN A 122 -20.89 7.19 -28.89
CA GLN A 122 -19.47 7.58 -29.07
C GLN A 122 -18.54 7.06 -27.96
N TYR A 123 -19.05 6.78 -26.77
CA TYR A 123 -18.17 6.30 -25.71
C TYR A 123 -18.15 4.78 -25.57
N ARG A 124 -18.81 4.07 -26.49
CA ARG A 124 -18.92 2.61 -26.36
C ARG A 124 -17.55 1.92 -26.19
N ASP A 125 -16.63 2.32 -27.04
CA ASP A 125 -15.30 1.71 -27.14
C ASP A 125 -14.33 2.21 -26.05
N TYR A 126 -14.82 2.99 -25.09
CA TYR A 126 -14.04 3.35 -23.90
C TYR A 126 -13.95 2.16 -22.93
N TYR A 127 -14.83 1.18 -23.14
CA TYR A 127 -14.89 -0.02 -22.31
C TYR A 127 -14.79 -1.25 -23.19
N ILE A 128 -14.85 -2.43 -22.58
CA ILE A 128 -14.52 -3.62 -23.30
C ILE A 128 -15.73 -4.54 -23.38
N TRP A 129 -16.33 -4.58 -24.56
CA TRP A 129 -17.58 -5.31 -24.80
C TRP A 129 -17.37 -6.53 -25.69
N ARG A 130 -18.02 -7.65 -25.34
CA ARG A 130 -17.84 -8.91 -26.07
C ARG A 130 -19.15 -9.70 -26.13
N ASP A 131 -19.38 -10.33 -27.27
CA ASP A 131 -20.54 -11.19 -27.44
C ASP A 131 -20.39 -12.40 -26.53
N PRO A 132 -21.53 -12.99 -26.13
CA PRO A 132 -21.49 -14.28 -25.49
C PRO A 132 -20.79 -15.30 -26.39
N VAL A 133 -20.23 -16.34 -25.76
CA VAL A 133 -19.70 -17.47 -26.49
C VAL A 133 -20.45 -18.71 -25.98
N ASP A 134 -21.07 -19.46 -26.89
CA ASP A 134 -21.84 -20.65 -26.50
C ASP A 134 -22.80 -20.36 -25.34
N GLU A 135 -23.51 -19.24 -25.44
CA GLU A 135 -24.52 -18.88 -24.48
C GLU A 135 -23.95 -18.73 -23.05
N HIS A 136 -22.66 -18.42 -22.96
CA HIS A 136 -22.06 -18.08 -21.68
C HIS A 136 -21.00 -16.97 -21.85
N GLU A 137 -20.30 -16.67 -20.77
CA GLU A 137 -19.31 -15.61 -20.77
C GLU A 137 -18.26 -15.84 -21.82
N PRO A 138 -17.63 -14.76 -22.32
CA PRO A 138 -16.63 -14.88 -23.39
C PRO A 138 -15.49 -15.81 -23.04
N ASN A 139 -15.03 -15.77 -21.80
CA ASN A 139 -14.03 -16.72 -21.32
C ASN A 139 -14.10 -16.81 -19.81
N ASP A 140 -13.13 -17.48 -19.22
CA ASP A 140 -13.20 -17.80 -17.78
C ASP A 140 -12.51 -16.79 -16.83
N LEU A 141 -12.14 -15.62 -17.33
CA LEU A 141 -11.50 -14.62 -16.49
C LEU A 141 -12.36 -14.27 -15.27
N LYS A 142 -11.72 -14.18 -14.10
CA LYS A 142 -12.40 -13.96 -12.83
C LYS A 142 -12.17 -12.56 -12.27
N SER A 143 -13.17 -12.09 -11.53
CA SER A 143 -13.13 -10.83 -10.81
C SER A 143 -12.41 -11.05 -9.51
N ALA A 144 -11.72 -10.03 -9.03
CA ALA A 144 -11.01 -10.12 -7.76
C ALA A 144 -11.98 -10.03 -6.61
N PHE A 145 -13.25 -9.68 -6.88
CA PHE A 145 -14.26 -9.65 -5.83
C PHE A 145 -15.29 -10.81 -5.97
N SER A 146 -14.81 -11.94 -6.46
CA SER A 146 -15.55 -13.20 -6.65
C SER A 146 -16.34 -13.14 -7.93
N GLY A 147 -16.54 -14.31 -8.53
CA GLY A 147 -17.33 -14.40 -9.74
C GLY A 147 -16.57 -14.06 -11.01
N SER A 148 -17.31 -14.03 -12.11
CA SER A 148 -16.77 -13.76 -13.43
C SER A 148 -16.32 -12.30 -13.56
N ALA A 149 -15.30 -12.09 -14.37
CA ALA A 149 -14.88 -10.77 -14.79
C ALA A 149 -15.77 -10.17 -15.91
N TRP A 150 -16.83 -10.90 -16.29
CA TRP A 150 -17.72 -10.46 -17.37
C TRP A 150 -19.14 -10.27 -16.89
N LYS A 151 -19.66 -9.06 -17.03
CA LYS A 151 -21.00 -8.74 -16.58
C LYS A 151 -21.92 -8.55 -17.78
N TYR A 152 -23.07 -9.25 -17.78
CA TYR A 152 -23.96 -9.23 -18.94
C TYR A 152 -24.74 -7.95 -18.96
N ASP A 153 -24.86 -7.34 -20.15
CA ASP A 153 -25.70 -6.16 -20.33
C ASP A 153 -26.90 -6.50 -21.20
N GLU A 154 -28.09 -6.46 -20.60
CA GLU A 154 -29.31 -6.98 -21.21
C GLU A 154 -29.65 -6.26 -22.50
N ARG A 155 -29.49 -4.92 -22.53
CA ARG A 155 -30.00 -4.19 -23.69
C ARG A 155 -29.19 -4.47 -24.94
N SER A 156 -27.87 -4.52 -24.81
CA SER A 156 -27.03 -4.78 -25.96
C SER A 156 -26.83 -6.27 -26.20
N GLY A 157 -27.00 -7.09 -25.18
CA GLY A 157 -26.73 -8.52 -25.35
C GLY A 157 -25.26 -8.88 -25.33
N GLN A 158 -24.44 -7.95 -24.87
CA GLN A 158 -23.00 -8.19 -24.74
C GLN A 158 -22.58 -8.15 -23.26
N TYR A 159 -21.43 -8.74 -22.96
CA TYR A 159 -20.81 -8.61 -21.65
C TYR A 159 -19.80 -7.47 -21.68
N TYR A 160 -19.63 -6.80 -20.55
CA TYR A 160 -18.49 -5.91 -20.36
C TYR A 160 -17.53 -6.48 -19.32
N LEU A 161 -16.25 -6.14 -19.50
CA LEU A 161 -15.18 -6.59 -18.62
C LEU A 161 -15.08 -5.73 -17.36
N HIS A 162 -14.90 -6.41 -16.23
CA HIS A 162 -14.55 -5.77 -14.96
C HIS A 162 -13.69 -6.75 -14.14
N PHE A 163 -12.41 -6.43 -13.99
CA PHE A 163 -11.54 -7.24 -13.14
C PHE A 163 -11.85 -7.02 -11.67
N PHE A 164 -12.56 -5.93 -11.35
CA PHE A 164 -13.00 -5.69 -9.97
C PHE A 164 -14.53 -5.76 -9.87
N ALA A 165 -15.19 -4.80 -9.25
CA ALA A 165 -16.63 -4.93 -9.02
C ALA A 165 -17.39 -4.76 -10.33
N ASP A 166 -18.63 -5.24 -10.35
CA ASP A 166 -19.53 -5.01 -11.49
C ASP A 166 -19.55 -3.52 -11.76
N GLN A 167 -19.43 -2.74 -10.69
CA GLN A 167 -19.58 -1.29 -10.78
C GLN A 167 -18.25 -0.62 -11.06
N GLN A 168 -17.22 -1.41 -11.39
CA GLN A 168 -15.95 -0.89 -11.89
C GLN A 168 -15.65 -1.40 -13.29
N PRO A 169 -16.44 -0.95 -14.29
CA PRO A 169 -16.14 -1.38 -15.66
C PRO A 169 -14.72 -0.97 -16.12
N ASP A 170 -14.02 -1.90 -16.76
CA ASP A 170 -12.66 -1.72 -17.16
C ASP A 170 -12.58 -0.81 -18.40
N LEU A 171 -11.63 0.10 -18.37
CA LEU A 171 -11.37 0.97 -19.51
C LEU A 171 -10.55 0.27 -20.59
N ASN A 172 -10.92 0.55 -21.84
CA ASN A 172 -10.23 0.01 -23.01
C ASN A 172 -8.98 0.84 -23.36
N TRP A 173 -7.80 0.35 -22.98
CA TRP A 173 -6.56 1.13 -23.20
C TRP A 173 -6.05 1.12 -24.67
N GLN A 174 -6.69 0.34 -25.51
CA GLN A 174 -6.41 0.35 -26.94
C GLN A 174 -7.04 1.59 -27.60
N ASN A 175 -7.95 2.24 -26.91
CA ASN A 175 -8.63 3.40 -27.44
C ASN A 175 -7.76 4.64 -27.25
N THR A 176 -7.29 5.21 -28.36
CA THR A 176 -6.31 6.30 -28.29
C THR A 176 -6.91 7.59 -27.77
N GLU A 177 -8.18 7.82 -28.08
CA GLU A 177 -8.89 9.00 -27.60
C GLU A 177 -9.03 8.97 -26.08
N LEU A 178 -9.30 7.79 -25.56
CA LEU A 178 -9.41 7.64 -24.12
C LEU A 178 -8.04 7.84 -23.44
N ARG A 179 -6.98 7.28 -23.99
CA ARG A 179 -5.66 7.47 -23.38
C ARG A 179 -5.32 8.96 -23.26
N GLN A 180 -5.65 9.73 -24.29
CA GLN A 180 -5.32 11.15 -24.29
C GLN A 180 -6.16 11.91 -23.28
N LYS A 181 -7.44 11.54 -23.12
CA LYS A 181 -8.29 12.16 -22.11
C LYS A 181 -7.74 11.85 -20.71
N ILE A 182 -7.28 10.62 -20.50
CA ILE A 182 -6.65 10.26 -19.24
C ILE A 182 -5.42 11.14 -19.01
N TYR A 183 -4.56 11.28 -20.02
CA TYR A 183 -3.35 12.10 -19.90
C TYR A 183 -3.69 13.55 -19.57
N ASN A 184 -4.69 14.10 -20.25
CA ASN A 184 -5.12 15.46 -20.02
C ASN A 184 -5.61 15.64 -18.59
N MET A 185 -6.38 14.67 -18.10
CA MET A 185 -6.86 14.68 -16.71
C MET A 185 -5.66 14.63 -15.75
N MET A 186 -4.67 13.82 -16.06
CA MET A 186 -3.49 13.70 -15.19
C MET A 186 -2.79 15.04 -15.13
N ASN A 187 -2.76 15.75 -16.26
CA ASN A 187 -2.10 17.05 -16.32
C ASN A 187 -2.82 18.13 -15.51
N PHE A 188 -4.15 18.05 -15.47
CA PHE A 188 -4.95 18.89 -14.58
C PHE A 188 -4.44 18.76 -13.14
N TRP A 189 -4.26 17.53 -12.67
CA TRP A 189 -3.80 17.30 -11.30
C TRP A 189 -2.33 17.68 -11.11
N LEU A 190 -1.48 17.33 -12.07
CA LEU A 190 -0.08 17.73 -12.02
C LEU A 190 0.09 19.24 -11.96
N ASP A 191 -0.78 19.98 -12.66
CA ASP A 191 -0.68 21.44 -12.70
C ASP A 191 -1.01 22.03 -11.34
N LYS A 192 -1.71 21.27 -10.50
CA LYS A 192 -2.04 21.78 -9.17
C LYS A 192 -0.87 21.69 -8.18
N GLY A 193 0.29 21.19 -8.59
CA GLY A 193 1.45 21.18 -7.69
C GLY A 193 1.57 19.93 -6.81
N ILE A 194 0.89 18.85 -7.20
CA ILE A 194 0.99 17.59 -6.47
C ILE A 194 2.40 16.99 -6.63
N GLY A 195 2.77 16.11 -5.71
CA GLY A 195 4.08 15.51 -5.73
C GLY A 195 4.18 14.25 -6.56
N GLY A 196 3.08 13.82 -7.15
CA GLY A 196 3.10 12.62 -7.96
C GLY A 196 1.83 11.77 -7.84
N PHE A 197 1.94 10.54 -8.34
CA PHE A 197 0.82 9.59 -8.38
C PHE A 197 1.24 8.23 -7.86
N ARG A 198 0.33 7.60 -7.11
CA ARG A 198 0.34 6.19 -6.82
C ARG A 198 -0.66 5.57 -7.80
N MET A 199 -0.22 4.61 -8.57
CA MET A 199 -0.99 4.15 -9.74
C MET A 199 -1.60 2.78 -9.50
N ASP A 200 -2.89 2.83 -9.23
CA ASP A 200 -3.71 1.70 -8.90
C ASP A 200 -3.71 0.64 -10.00
N VAL A 201 -3.37 -0.59 -9.60
CA VAL A 201 -3.31 -1.75 -10.44
C VAL A 201 -2.80 -1.43 -11.85
N ILE A 202 -1.74 -0.64 -11.94
CA ILE A 202 -1.32 -0.10 -13.22
C ILE A 202 -0.82 -1.21 -14.14
N GLU A 203 -0.39 -2.34 -13.56
CA GLU A 203 0.04 -3.52 -14.34
C GLU A 203 -1.04 -4.15 -15.20
N LEU A 204 -2.28 -3.71 -15.03
CA LEU A 204 -3.39 -4.24 -15.84
C LEU A 204 -3.60 -3.50 -17.16
N ILE A 205 -2.93 -2.38 -17.40
CA ILE A 205 -3.35 -1.58 -18.56
C ILE A 205 -2.93 -2.21 -19.90
N GLY A 206 -2.01 -3.19 -19.87
CA GLY A 206 -1.69 -3.98 -21.05
C GLY A 206 -2.61 -5.20 -21.23
N LYS A 207 -3.71 -5.24 -20.50
CA LYS A 207 -4.62 -6.40 -20.56
C LYS A 207 -5.08 -6.64 -22.01
N ASP A 208 -5.29 -7.90 -22.33
CA ASP A 208 -5.78 -8.33 -23.64
C ASP A 208 -6.65 -9.55 -23.35
N PRO A 209 -7.89 -9.29 -22.93
CA PRO A 209 -8.75 -10.38 -22.47
C PRO A 209 -9.06 -11.44 -23.52
N ASP A 210 -9.07 -11.09 -24.80
CA ASP A 210 -9.29 -12.09 -25.85
C ASP A 210 -8.23 -13.17 -25.79
N LYS A 211 -7.03 -12.81 -25.36
CA LYS A 211 -5.96 -13.79 -25.18
C LYS A 211 -5.76 -14.18 -23.74
N ASN A 212 -6.79 -13.97 -22.92
CA ASN A 212 -6.70 -14.22 -21.48
C ASN A 212 -5.47 -13.57 -20.82
N ILE A 213 -5.12 -12.39 -21.30
CA ILE A 213 -4.01 -11.63 -20.72
C ILE A 213 -4.59 -10.56 -19.78
N ARG A 214 -4.08 -10.54 -18.56
CA ARG A 214 -4.56 -9.63 -17.52
C ARG A 214 -3.40 -8.68 -17.15
N GLU A 215 -2.64 -9.03 -16.10
CA GLU A 215 -1.40 -8.35 -15.76
C GLU A 215 -0.26 -8.60 -16.77
N ASN A 216 0.65 -7.63 -16.86
CA ASN A 216 1.91 -7.79 -17.57
C ASN A 216 1.73 -8.03 -19.06
N GLY A 217 0.71 -7.41 -19.65
CA GLY A 217 0.44 -7.58 -21.08
C GLY A 217 1.45 -6.85 -21.94
N PRO A 218 1.52 -7.21 -23.23
CA PRO A 218 2.50 -6.64 -24.18
C PRO A 218 2.54 -5.12 -24.25
N MET A 219 1.39 -4.45 -24.24
CA MET A 219 1.37 -3.00 -24.42
C MET A 219 1.59 -2.22 -23.12
N LEU A 220 1.75 -2.92 -22.00
CA LEU A 220 1.91 -2.27 -20.69
C LEU A 220 3.01 -1.22 -20.67
N HIS A 221 4.22 -1.63 -20.99
CA HIS A 221 5.36 -0.70 -20.94
C HIS A 221 5.34 0.36 -22.05
N PRO A 222 4.95 -0.03 -23.28
CA PRO A 222 4.71 1.02 -24.29
C PRO A 222 3.70 2.08 -23.83
N TYR A 223 2.58 1.68 -23.22
CA TYR A 223 1.62 2.68 -22.72
C TYR A 223 2.22 3.58 -21.62
N LEU A 224 2.99 3.01 -20.71
CA LEU A 224 3.55 3.79 -19.64
C LEU A 224 4.63 4.75 -20.17
N GLN A 225 5.36 4.35 -21.19
CA GLN A 225 6.33 5.29 -21.80
C GLN A 225 5.61 6.42 -22.51
N GLU A 226 4.50 6.10 -23.19
CA GLU A 226 3.68 7.12 -23.82
C GLU A 226 3.08 8.07 -22.78
N MET A 227 2.56 7.49 -21.69
CA MET A 227 2.02 8.23 -20.57
C MET A 227 3.06 9.19 -19.97
N ASN A 228 4.25 8.65 -19.67
CA ASN A 228 5.31 9.46 -19.08
C ASN A 228 5.56 10.70 -19.96
N LYS A 229 5.76 10.52 -21.25
CA LYS A 229 6.05 11.63 -22.16
C LYS A 229 4.91 12.66 -22.18
N ALA A 230 3.67 12.18 -22.14
CA ALA A 230 2.51 13.05 -22.28
C ALA A 230 2.15 13.74 -20.97
N THR A 231 2.68 13.27 -19.85
CA THR A 231 2.24 13.82 -18.58
C THR A 231 3.35 14.23 -17.64
N PHE A 232 3.97 13.28 -16.92
CA PHE A 232 4.85 13.64 -15.79
C PHE A 232 6.34 13.55 -16.06
N GLY A 233 6.67 13.14 -17.27
CA GLY A 233 8.04 12.88 -17.66
C GLY A 233 9.06 13.96 -17.32
N LYS A 234 8.67 15.23 -17.41
CA LYS A 234 9.59 16.31 -17.08
C LYS A 234 9.23 17.02 -15.79
N ARG A 235 8.36 16.42 -14.98
CA ARG A 235 7.79 17.13 -13.85
C ARG A 235 8.50 17.00 -12.50
N ASP A 236 9.39 16.04 -12.33
CA ASP A 236 10.05 15.96 -10.99
C ASP A 236 9.04 15.60 -9.90
N VAL A 237 8.22 14.62 -10.24
CA VAL A 237 7.28 14.05 -9.29
C VAL A 237 7.65 12.58 -9.09
N MET A 238 7.12 12.01 -8.02
CA MET A 238 7.28 10.58 -7.76
C MET A 238 6.06 9.82 -8.29
N THR A 239 6.32 8.80 -9.08
CA THR A 239 5.28 7.88 -9.50
C THR A 239 5.59 6.49 -8.98
N VAL A 240 4.63 5.89 -8.30
CA VAL A 240 4.79 4.54 -7.79
C VAL A 240 3.62 3.68 -8.28
N GLY A 241 3.92 2.63 -9.04
CA GLY A 241 2.90 1.76 -9.56
C GLY A 241 2.58 0.65 -8.59
N GLU A 242 1.29 0.32 -8.44
CA GLU A 242 0.90 -0.84 -7.64
C GLU A 242 0.97 -2.03 -8.56
N THR A 243 1.91 -2.94 -8.31
CA THR A 243 2.16 -4.06 -9.21
C THR A 243 2.27 -5.41 -8.48
N TRP A 244 1.11 -5.98 -8.15
CA TRP A 244 1.02 -7.24 -7.42
C TRP A 244 1.82 -8.34 -8.07
N ASN A 245 1.91 -8.34 -9.39
CA ASN A 245 2.63 -9.39 -10.08
C ASN A 245 3.98 -8.97 -10.66
N ALA A 246 4.63 -8.02 -10.01
CA ALA A 246 5.98 -7.65 -10.41
C ALA A 246 7.02 -8.60 -9.83
N THR A 247 7.97 -8.99 -10.67
CA THR A 247 9.21 -9.63 -10.23
C THR A 247 10.30 -8.56 -10.18
N PRO A 248 11.47 -8.88 -9.61
CA PRO A 248 12.52 -7.86 -9.57
C PRO A 248 12.89 -7.35 -10.98
N LYS A 249 12.84 -8.21 -11.98
CA LYS A 249 13.16 -7.81 -13.34
C LYS A 249 12.10 -6.86 -13.91
N ILE A 250 10.84 -7.15 -13.63
CA ILE A 250 9.76 -6.33 -14.13
C ILE A 250 9.80 -4.99 -13.40
N ALA A 251 10.16 -5.00 -12.13
CA ALA A 251 10.28 -3.75 -11.37
C ALA A 251 11.32 -2.84 -12.02
N GLU A 252 12.42 -3.41 -12.52
CA GLU A 252 13.43 -2.62 -13.21
C GLU A 252 12.89 -2.01 -14.50
N GLU A 253 12.11 -2.79 -15.25
CA GLU A 253 11.49 -2.28 -16.46
C GLU A 253 10.59 -1.07 -16.17
N TYR A 254 9.86 -1.12 -15.06
CA TYR A 254 9.05 0.02 -14.64
C TYR A 254 9.88 1.22 -14.15
N SER A 255 11.00 0.96 -13.47
CA SER A 255 11.68 2.01 -12.70
C SER A 255 13.04 2.45 -13.24
N ASP A 256 13.56 1.79 -14.25
CA ASP A 256 14.83 2.24 -14.83
C ASP A 256 14.64 3.66 -15.35
N PRO A 257 15.41 4.64 -14.82
CA PRO A 257 15.22 6.01 -15.31
C PRO A 257 15.43 6.14 -16.82
N ASP A 258 16.27 5.30 -17.41
CA ASP A 258 16.50 5.37 -18.86
C ASP A 258 15.33 4.80 -19.67
N ARG A 259 14.37 4.15 -19.02
CA ARG A 259 13.16 3.68 -19.73
C ARG A 259 12.04 4.72 -19.73
N HIS A 260 12.16 5.76 -18.90
CA HIS A 260 11.17 6.82 -18.85
C HIS A 260 9.78 6.27 -18.63
N GLU A 261 9.65 5.52 -17.55
CA GLU A 261 8.35 5.06 -17.10
C GLU A 261 8.05 5.63 -15.72
N LEU A 262 8.17 4.82 -14.66
CA LEU A 262 7.80 5.25 -13.31
C LEU A 262 9.05 5.42 -12.43
N SER A 263 8.85 5.97 -11.22
CA SER A 263 9.94 6.08 -10.24
C SER A 263 10.23 4.74 -9.59
N MET A 264 9.16 4.01 -9.26
CA MET A 264 9.27 2.75 -8.54
C MET A 264 7.93 2.02 -8.58
N VAL A 265 7.90 0.80 -8.04
CA VAL A 265 6.64 0.06 -7.91
C VAL A 265 6.50 -0.61 -6.55
N PHE A 266 5.26 -0.86 -6.16
CA PHE A 266 4.98 -1.67 -4.99
C PHE A 266 4.93 -3.09 -5.50
N GLN A 267 5.76 -3.96 -4.94
CA GLN A 267 5.69 -5.41 -5.23
C GLN A 267 5.09 -6.13 -4.04
N PHE A 268 4.47 -7.28 -4.30
CA PHE A 268 3.68 -7.96 -3.27
C PHE A 268 4.07 -9.42 -3.15
N GLU A 269 5.31 -9.75 -3.48
CA GLU A 269 5.74 -11.16 -3.47
C GLU A 269 5.52 -11.83 -2.12
N ASN A 270 5.77 -11.13 -1.03
CA ASN A 270 5.63 -11.76 0.29
C ASN A 270 4.18 -12.06 0.69
N GLN A 271 3.19 -11.54 -0.06
CA GLN A 271 1.80 -11.68 0.40
C GLN A 271 1.28 -13.10 0.33
N SER A 272 1.80 -13.88 -0.61
CA SER A 272 1.31 -15.26 -0.76
C SER A 272 2.03 -16.26 0.16
N LEU A 273 2.98 -15.80 0.96
CA LEU A 273 3.72 -16.69 1.84
C LEU A 273 2.86 -17.34 2.91
N ASP A 274 1.72 -16.75 3.23
CA ASP A 274 0.84 -17.37 4.21
C ASP A 274 -0.52 -17.80 3.63
N GLN A 275 -0.50 -18.23 2.37
CA GLN A 275 -1.65 -18.94 1.79
C GLN A 275 -1.20 -20.25 1.15
N GLN A 276 -2.15 -21.16 1.00
CA GLN A 276 -1.88 -22.47 0.42
C GLN A 276 -1.60 -22.33 -1.07
N PRO A 277 -0.57 -23.05 -1.57
CA PRO A 277 -0.17 -22.91 -2.97
C PRO A 277 -1.32 -23.21 -3.92
N GLY A 278 -1.48 -22.39 -4.96
CA GLY A 278 -2.49 -22.62 -5.97
C GLY A 278 -3.90 -22.24 -5.55
N LYS A 279 -4.05 -21.70 -4.35
CA LYS A 279 -5.38 -21.30 -3.88
C LYS A 279 -5.46 -19.79 -3.63
N GLU A 280 -6.44 -19.36 -2.84
CA GLU A 280 -6.65 -17.94 -2.59
C GLU A 280 -6.04 -17.48 -1.26
N LYS A 281 -5.96 -16.16 -1.05
CA LYS A 281 -5.41 -15.67 0.21
C LYS A 281 -6.22 -16.17 1.41
N TRP A 282 -7.49 -16.51 1.17
CA TRP A 282 -8.35 -16.98 2.25
C TRP A 282 -8.01 -18.40 2.74
N ASP A 283 -7.24 -19.12 1.96
CA ASP A 283 -6.85 -20.48 2.32
C ASP A 283 -5.52 -20.39 3.03
N LEU A 284 -5.59 -20.41 4.36
CA LEU A 284 -4.48 -20.02 5.21
C LEU A 284 -3.41 -21.07 5.38
N LYS A 285 -2.19 -20.60 5.61
CA LYS A 285 -1.12 -21.46 6.06
C LYS A 285 -0.15 -20.58 6.81
N PRO A 286 0.53 -21.15 7.81
CA PRO A 286 1.45 -20.38 8.63
C PRO A 286 2.62 -19.86 7.80
N LEU A 287 3.04 -18.65 8.13
CA LEU A 287 4.22 -18.09 7.49
C LEU A 287 5.47 -18.83 7.94
N ASP A 288 6.32 -19.17 6.98
CA ASP A 288 7.66 -19.67 7.26
C ASP A 288 8.61 -18.46 7.22
N LEU A 289 9.24 -18.16 8.36
CA LEU A 289 10.03 -16.93 8.50
C LEU A 289 11.20 -16.92 7.56
N GLY A 290 11.75 -18.11 7.30
CA GLY A 290 12.83 -18.28 6.36
C GLY A 290 12.44 -17.88 4.95
N GLU A 291 11.20 -18.16 4.58
CA GLU A 291 10.73 -17.74 3.27
C GLU A 291 10.53 -16.22 3.26
N LEU A 292 10.09 -15.64 4.37
CA LEU A 292 9.95 -14.19 4.42
C LEU A 292 11.33 -13.56 4.24
N LYS A 293 12.30 -14.06 5.01
CA LYS A 293 13.68 -13.61 4.90
C LYS A 293 14.20 -13.66 3.43
N LYS A 294 14.00 -14.78 2.76
CA LYS A 294 14.46 -14.93 1.39
C LYS A 294 13.85 -13.88 0.46
N VAL A 295 12.57 -13.57 0.65
CA VAL A 295 11.91 -12.62 -0.23
C VAL A 295 12.42 -11.22 0.05
N LEU A 296 12.59 -10.90 1.33
CA LEU A 296 13.15 -9.62 1.72
C LEU A 296 14.52 -9.44 1.11
N VAL A 297 15.36 -10.46 1.22
CA VAL A 297 16.73 -10.40 0.73
C VAL A 297 16.76 -10.31 -0.82
N LYS A 298 15.90 -11.10 -1.48
CA LYS A 298 15.86 -11.12 -2.94
C LYS A 298 15.67 -9.71 -3.48
N TRP A 299 14.73 -8.96 -2.92
CA TRP A 299 14.41 -7.65 -3.47
C TRP A 299 15.47 -6.61 -3.12
N GLN A 300 16.35 -6.93 -2.17
CA GLN A 300 17.45 -6.02 -1.86
C GLN A 300 18.66 -6.26 -2.74
N THR A 301 18.86 -7.51 -3.15
CA THR A 301 20.10 -7.90 -3.82
C THR A 301 19.94 -8.10 -5.31
N LYS A 302 18.73 -8.42 -5.78
CA LYS A 302 18.59 -8.78 -7.18
C LYS A 302 18.00 -7.63 -7.98
N ILE A 303 17.73 -6.49 -7.34
CA ILE A 303 17.41 -5.26 -8.05
C ILE A 303 18.71 -4.51 -8.36
N ASP A 304 18.92 -4.08 -9.60
CA ASP A 304 20.10 -3.28 -9.90
C ASP A 304 19.78 -1.81 -9.67
N PHE A 305 20.23 -1.28 -8.54
CA PHE A 305 19.91 0.09 -8.14
C PHE A 305 20.66 1.13 -8.98
N ASP A 306 21.60 0.73 -9.83
CA ASP A 306 22.16 1.64 -10.82
C ASP A 306 21.16 1.90 -11.94
N HIS A 307 20.14 1.05 -12.07
CA HIS A 307 19.23 1.16 -13.19
C HIS A 307 17.78 0.88 -12.79
N ALA A 308 17.40 1.28 -11.59
CA ALA A 308 16.10 0.94 -11.05
C ALA A 308 15.98 1.54 -9.65
N TRP A 309 14.77 1.54 -9.10
CA TRP A 309 14.59 1.89 -7.71
C TRP A 309 13.64 0.86 -7.10
N ASN A 310 13.34 1.04 -5.82
CA ASN A 310 12.64 0.02 -5.04
C ASN A 310 11.82 0.75 -3.98
N SER A 311 10.58 0.30 -3.78
CA SER A 311 9.78 0.78 -2.66
C SER A 311 9.82 -0.24 -1.53
N LEU A 312 9.53 0.21 -0.32
CA LEU A 312 9.56 -0.65 0.87
C LEU A 312 8.33 -0.37 1.71
N PHE A 313 7.53 -1.40 1.99
CA PHE A 313 6.33 -1.22 2.81
C PHE A 313 5.95 -2.53 3.49
N TRP A 314 5.20 -2.40 4.58
CA TRP A 314 4.59 -3.54 5.24
C TRP A 314 3.07 -3.48 5.18
N GLU A 315 2.53 -2.27 5.08
CA GLU A 315 1.10 -2.04 5.29
C GLU A 315 0.53 -1.12 4.25
N ASN A 316 -0.75 -1.34 3.97
CA ASN A 316 -1.54 -0.39 3.22
C ASN A 316 -3.01 -0.71 3.48
N HIS A 317 -3.89 -0.04 2.75
CA HIS A 317 -5.33 -0.15 2.96
C HIS A 317 -5.96 -1.47 2.49
N ASP A 318 -5.15 -2.34 1.90
CA ASP A 318 -5.63 -3.59 1.34
C ASP A 318 -5.13 -4.80 2.11
N ILE A 319 -4.28 -4.60 3.11
CA ILE A 319 -3.65 -5.73 3.75
C ILE A 319 -3.63 -5.52 5.26
N PRO A 320 -3.65 -6.64 5.99
CA PRO A 320 -3.76 -6.50 7.45
C PRO A 320 -2.50 -5.89 8.08
N ARG A 321 -2.60 -5.58 9.37
CA ARG A 321 -1.50 -5.00 10.12
C ARG A 321 -0.40 -6.05 10.32
N VAL A 322 0.84 -5.66 10.03
CA VAL A 322 1.91 -6.63 9.88
C VAL A 322 2.26 -7.34 11.21
N ILE A 323 2.17 -6.60 12.30
CA ILE A 323 2.48 -7.15 13.62
C ILE A 323 1.45 -8.22 14.02
N SER A 324 0.20 -8.06 13.60
CA SER A 324 -0.85 -9.05 13.88
C SER A 324 -0.70 -10.27 12.97
N ARG A 325 -0.37 -10.00 11.71
CA ARG A 325 -0.30 -11.06 10.71
C ARG A 325 0.91 -11.97 10.86
N TRP A 326 2.07 -11.36 11.05
CA TRP A 326 3.33 -12.08 10.96
C TRP A 326 4.16 -11.95 12.23
N GLY A 327 3.63 -11.28 13.23
CA GLY A 327 4.42 -11.04 14.43
C GLY A 327 3.62 -11.33 15.67
N ASN A 328 3.75 -10.48 16.67
CA ASN A 328 3.01 -10.64 17.90
C ASN A 328 2.45 -9.29 18.21
N ASP A 329 1.16 -9.22 18.48
CA ASP A 329 0.53 -7.93 18.79
C ASP A 329 0.01 -7.88 20.21
N GLN A 330 0.53 -8.75 21.06
CA GLN A 330 0.13 -8.80 22.46
C GLN A 330 1.28 -8.33 23.33
N GLU A 331 1.88 -9.16 24.17
CA GLU A 331 2.88 -8.60 25.08
C GLU A 331 4.19 -8.24 24.42
N TYR A 332 4.46 -8.74 23.21
CA TYR A 332 5.64 -8.29 22.47
C TYR A 332 5.30 -7.24 21.41
N ARG A 333 4.14 -6.59 21.53
CA ARG A 333 3.68 -5.70 20.47
C ARG A 333 4.71 -4.61 20.15
N VAL A 334 5.25 -3.98 21.19
CA VAL A 334 6.10 -2.82 21.02
C VAL A 334 7.39 -3.26 20.38
N GLN A 335 7.96 -4.34 20.90
CA GLN A 335 9.21 -4.81 20.35
C GLN A 335 9.04 -5.29 18.91
N CYS A 336 7.96 -6.01 18.66
CA CYS A 336 7.70 -6.56 17.34
C CYS A 336 7.52 -5.45 16.30
N ALA A 337 6.71 -4.45 16.62
CA ALA A 337 6.50 -3.32 15.72
C ALA A 337 7.82 -2.63 15.40
N LYS A 338 8.65 -2.43 16.43
CA LYS A 338 9.93 -1.76 16.24
C LYS A 338 10.84 -2.60 15.35
N MET A 339 10.81 -3.92 15.54
CA MET A 339 11.61 -4.82 14.72
C MET A 339 11.26 -4.66 13.24
N PHE A 340 9.97 -4.75 12.91
CA PHE A 340 9.57 -4.59 11.50
C PHE A 340 9.98 -3.21 10.95
N ALA A 341 9.80 -2.15 11.73
CA ALA A 341 10.21 -0.81 11.30
C ALA A 341 11.70 -0.72 11.00
N ILE A 342 12.51 -1.23 11.92
CA ILE A 342 13.97 -1.18 11.83
C ILE A 342 14.51 -1.92 10.62
N ILE A 343 14.06 -3.16 10.41
CA ILE A 343 14.60 -3.95 9.32
C ILE A 343 14.21 -3.39 7.96
N LEU A 344 13.05 -2.75 7.87
CA LEU A 344 12.62 -2.18 6.59
C LEU A 344 13.24 -0.82 6.28
N HIS A 345 13.31 0.04 7.29
CA HIS A 345 13.74 1.41 7.06
C HIS A 345 15.25 1.56 6.87
N MET A 346 15.99 0.51 7.20
CA MET A 346 17.41 0.47 6.92
C MET A 346 17.69 -0.26 5.61
N MET A 347 16.64 -0.62 4.86
CA MET A 347 16.84 -1.20 3.55
C MET A 347 17.01 -0.13 2.45
N HIS A 348 17.39 -0.61 1.27
CA HIS A 348 17.63 0.21 0.09
C HIS A 348 16.30 0.41 -0.66
N GLY A 349 15.87 1.66 -0.81
CA GLY A 349 14.57 1.98 -1.41
C GLY A 349 13.87 3.06 -0.60
N THR A 350 12.73 3.51 -1.11
CA THR A 350 11.88 4.50 -0.46
C THR A 350 10.83 3.83 0.46
N PRO A 351 10.89 4.10 1.77
CA PRO A 351 9.91 3.52 2.70
C PRO A 351 8.58 4.24 2.72
N TYR A 352 7.54 3.46 2.95
CA TYR A 352 6.17 3.93 3.06
C TYR A 352 5.64 3.46 4.41
N ILE A 353 5.01 4.39 5.13
CA ILE A 353 4.42 4.13 6.43
C ILE A 353 2.93 4.32 6.23
N PHE A 354 2.17 3.29 6.61
CA PHE A 354 0.72 3.33 6.51
C PHE A 354 0.16 4.00 7.76
N ASN A 355 -0.87 4.82 7.63
CA ASN A 355 -1.34 5.52 8.83
C ASN A 355 -1.64 4.56 9.98
N GLY A 356 -1.11 4.88 11.16
CA GLY A 356 -1.30 4.07 12.36
C GLY A 356 -0.22 3.04 12.58
N GLU A 357 0.56 2.74 11.54
CA GLU A 357 1.68 1.80 11.68
C GLU A 357 2.66 2.35 12.71
N GLU A 358 2.86 3.65 12.68
CA GLU A 358 3.84 4.31 13.55
C GLU A 358 3.48 4.24 15.07
N ILE A 359 2.26 3.82 15.40
CA ILE A 359 1.91 3.55 16.81
C ILE A 359 1.56 2.08 17.08
N GLY A 360 1.76 1.21 16.09
CA GLY A 360 1.51 -0.20 16.28
C GLY A 360 0.04 -0.56 16.37
N MET A 361 -0.79 0.06 15.53
CA MET A 361 -2.18 -0.35 15.40
C MET A 361 -2.25 -1.80 14.95
N THR A 362 -3.24 -2.53 15.45
CA THR A 362 -3.34 -3.96 15.21
C THR A 362 -4.57 -4.29 14.38
N ASN A 363 -4.67 -5.54 13.97
CA ASN A 363 -5.92 -6.06 13.40
C ASN A 363 -7.10 -5.89 14.37
N CYS A 364 -8.30 -5.91 13.80
CA CYS A 364 -9.54 -5.78 14.53
C CYS A 364 -10.47 -6.95 14.18
N PRO A 365 -10.47 -7.98 15.04
CA PRO A 365 -11.21 -9.19 14.70
C PRO A 365 -12.72 -8.93 14.78
N VAL A 366 -13.49 -9.65 13.98
CA VAL A 366 -14.93 -9.56 14.05
C VAL A 366 -15.49 -10.93 14.47
N LYS A 367 -16.74 -10.96 14.91
CA LYS A 367 -17.37 -12.22 15.28
C LYS A 367 -18.38 -12.64 14.24
N ASN A 368 -18.85 -11.70 13.45
CA ASN A 368 -19.75 -12.07 12.37
C ASN A 368 -19.75 -11.12 11.18
N ILE A 369 -20.38 -11.57 10.09
CA ILE A 369 -20.26 -10.90 8.81
C ILE A 369 -20.91 -9.52 8.83
N ASP A 370 -21.89 -9.32 9.71
CA ASP A 370 -22.54 -8.01 9.79
C ASP A 370 -21.63 -6.92 10.36
N GLU A 371 -20.44 -7.31 10.83
CA GLU A 371 -19.43 -6.35 11.29
C GLU A 371 -18.46 -5.97 10.17
N VAL A 372 -18.63 -6.55 8.99
CA VAL A 372 -17.70 -6.35 7.89
C VAL A 372 -18.36 -5.46 6.86
N GLU A 373 -17.61 -4.53 6.25
CA GLU A 373 -18.17 -3.68 5.18
C GLU A 373 -17.58 -3.95 3.79
N ASP A 374 -16.35 -4.43 3.72
CA ASP A 374 -15.65 -4.53 2.44
C ASP A 374 -16.25 -5.56 1.51
N ILE A 375 -16.57 -5.12 0.30
CA ILE A 375 -17.10 -5.97 -0.76
C ILE A 375 -16.30 -7.24 -0.94
N GLU A 376 -14.96 -7.13 -0.88
CA GLU A 376 -14.12 -8.31 -1.09
C GLU A 376 -14.39 -9.41 -0.06
N SER A 377 -14.50 -9.02 1.20
CA SER A 377 -14.75 -9.98 2.28
C SER A 377 -16.16 -10.54 2.22
N ILE A 378 -17.13 -9.66 2.00
CA ILE A 378 -18.53 -10.05 1.95
C ILE A 378 -18.80 -11.02 0.83
N ASN A 379 -18.25 -10.72 -0.34
CA ASN A 379 -18.47 -11.56 -1.49
C ASN A 379 -17.82 -12.92 -1.33
N MET A 380 -16.63 -12.94 -0.73
CA MET A 380 -15.97 -14.22 -0.44
C MET A 380 -16.85 -15.04 0.52
N TYR A 381 -17.33 -14.39 1.58
CA TYR A 381 -18.11 -15.02 2.62
C TYR A 381 -19.35 -15.67 2.03
N ASN A 382 -20.11 -14.90 1.25
CA ASN A 382 -21.34 -15.41 0.66
C ASN A 382 -21.11 -16.55 -0.32
N GLU A 383 -20.10 -16.45 -1.17
CA GLU A 383 -19.83 -17.53 -2.11
C GLU A 383 -19.38 -18.81 -1.38
N ARG A 384 -18.42 -18.69 -0.49
CA ARG A 384 -17.92 -19.84 0.26
C ARG A 384 -18.99 -20.46 1.18
N LEU A 385 -19.82 -19.63 1.79
CA LEU A 385 -20.93 -20.13 2.60
C LEU A 385 -21.83 -20.98 1.69
N ALA A 386 -22.20 -20.44 0.53
CA ALA A 386 -23.04 -21.19 -0.41
C ALA A 386 -22.38 -22.52 -0.81
N GLU A 387 -21.07 -22.48 -1.02
CA GLU A 387 -20.31 -23.65 -1.40
C GLU A 387 -20.09 -24.66 -0.24
N GLY A 388 -20.54 -24.31 0.95
CA GLY A 388 -20.50 -25.26 2.06
C GLY A 388 -19.22 -25.23 2.90
N TYR A 389 -18.47 -24.13 2.83
CA TYR A 389 -17.34 -23.96 3.73
C TYR A 389 -17.81 -23.67 5.15
N ASP A 390 -16.94 -23.99 6.09
CA ASP A 390 -17.18 -23.77 7.51
C ASP A 390 -17.24 -22.28 7.82
N GLU A 391 -18.39 -21.81 8.28
CA GLU A 391 -18.60 -20.38 8.55
C GLU A 391 -17.61 -19.79 9.57
N GLU A 392 -17.22 -20.58 10.57
CA GLU A 392 -16.26 -20.10 11.57
C GLU A 392 -14.93 -19.80 10.91
N GLU A 393 -14.52 -20.69 10.01
CA GLU A 393 -13.26 -20.52 9.31
C GLU A 393 -13.29 -19.36 8.32
N LEU A 394 -14.49 -19.02 7.84
CA LEU A 394 -14.67 -17.85 6.97
C LEU A 394 -14.46 -16.56 7.75
N ILE A 395 -15.05 -16.49 8.94
CA ILE A 395 -14.80 -15.36 9.82
C ILE A 395 -13.33 -15.30 10.17
N HIS A 396 -12.73 -16.45 10.48
CA HIS A 396 -11.32 -16.46 10.82
C HIS A 396 -10.48 -15.94 9.64
N ALA A 397 -10.83 -16.36 8.43
CA ALA A 397 -10.11 -15.95 7.23
C ALA A 397 -10.19 -14.43 7.01
N ILE A 398 -11.37 -13.86 7.26
CA ILE A 398 -11.52 -12.41 7.27
C ILE A 398 -10.68 -11.76 8.37
N ASN A 399 -10.62 -12.36 9.56
CA ASN A 399 -9.82 -11.82 10.64
C ASN A 399 -8.32 -11.82 10.35
N VAL A 400 -7.89 -12.77 9.52
CA VAL A 400 -6.48 -12.84 9.15
C VAL A 400 -6.15 -12.06 7.88
N LYS A 401 -7.04 -12.07 6.88
CA LYS A 401 -6.72 -11.44 5.58
C LYS A 401 -7.66 -10.33 5.16
N GLY A 402 -8.68 -10.03 5.94
CA GLY A 402 -9.66 -9.03 5.52
C GLY A 402 -9.12 -7.61 5.47
N ARG A 403 -9.50 -6.84 4.45
CA ARG A 403 -9.00 -5.48 4.29
C ARG A 403 -9.56 -4.50 5.30
N ASP A 404 -10.70 -4.81 5.93
CA ASP A 404 -11.23 -3.89 6.94
C ASP A 404 -10.30 -3.75 8.14
N ASN A 405 -9.45 -4.74 8.36
CA ASN A 405 -8.45 -4.60 9.42
C ASN A 405 -7.57 -3.37 9.22
N ALA A 406 -7.31 -3.02 7.97
CA ALA A 406 -6.48 -1.86 7.64
C ALA A 406 -7.24 -0.55 7.68
N ARG A 407 -8.56 -0.61 7.80
CA ARG A 407 -9.38 0.56 7.53
C ARG A 407 -10.07 1.11 8.76
N ARG A 408 -9.69 0.59 9.92
CA ARG A 408 -10.27 1.07 11.16
C ARG A 408 -9.80 2.49 11.44
N PRO A 409 -10.65 3.27 12.09
CA PRO A 409 -10.31 4.67 12.36
C PRO A 409 -8.99 4.85 13.05
N MET A 410 -8.25 5.86 12.60
CA MET A 410 -6.97 6.22 13.18
C MET A 410 -7.18 6.55 14.67
N GLN A 411 -6.25 6.12 15.50
CA GLN A 411 -6.43 6.18 16.96
C GLN A 411 -5.59 7.29 17.60
N TRP A 412 -6.22 8.45 17.75
CA TRP A 412 -5.51 9.66 18.14
C TRP A 412 -5.32 9.80 19.66
N ASN A 413 -6.27 9.31 20.43
CA ASN A 413 -6.24 9.49 21.86
C ASN A 413 -7.21 8.54 22.52
N ASP A 414 -7.45 8.68 23.81
CA ASP A 414 -8.32 7.76 24.50
C ASP A 414 -9.73 8.33 24.73
N GLU A 415 -10.07 9.41 24.01
CA GLU A 415 -11.44 9.91 24.02
C GLU A 415 -12.38 9.04 23.22
N LYS A 416 -13.63 9.43 23.21
CA LYS A 416 -14.66 8.75 22.45
C LYS A 416 -14.19 8.51 21.02
N ASN A 417 -14.31 7.27 20.56
CA ASN A 417 -13.94 6.91 19.21
C ASN A 417 -12.49 7.25 18.92
N ALA A 418 -11.67 7.20 19.95
CA ALA A 418 -10.23 7.43 19.83
C ALA A 418 -9.90 8.84 19.29
N GLY A 419 -10.86 9.75 19.39
CA GLY A 419 -10.65 11.10 18.92
C GLY A 419 -10.81 11.25 17.41
N PHE A 420 -11.19 10.17 16.74
CA PHE A 420 -11.42 10.22 15.30
C PHE A 420 -12.68 11.01 14.94
N SER A 421 -13.70 10.89 15.78
CA SER A 421 -14.99 11.51 15.53
C SER A 421 -15.79 11.63 16.80
N GLU A 422 -16.72 12.58 16.82
CA GLU A 422 -17.64 12.74 17.95
C GLU A 422 -18.92 11.96 17.73
N VAL A 423 -19.17 11.50 16.51
CA VAL A 423 -20.31 10.63 16.26
C VAL A 423 -19.83 9.21 15.90
N ASP A 424 -20.78 8.30 15.69
CA ASP A 424 -20.44 6.92 15.32
C ASP A 424 -19.65 6.92 14.03
N PRO A 425 -18.42 6.37 14.03
CA PRO A 425 -17.62 6.35 12.80
C PRO A 425 -18.22 5.46 11.74
N TRP A 426 -17.88 5.72 10.48
CA TRP A 426 -18.41 4.93 9.37
C TRP A 426 -18.08 3.43 9.56
N LEU A 427 -16.96 3.17 10.20
CA LEU A 427 -16.54 1.84 10.54
C LEU A 427 -16.01 1.91 11.98
N SER A 428 -16.46 1.00 12.84
CA SER A 428 -16.24 1.19 14.26
C SER A 428 -14.78 1.08 14.65
N VAL A 429 -14.42 1.80 15.70
CA VAL A 429 -13.04 1.89 16.16
C VAL A 429 -12.65 0.58 16.82
N ASN A 430 -11.38 0.21 16.68
CA ASN A 430 -10.85 -0.96 17.34
C ASN A 430 -10.91 -0.72 18.85
N PRO A 431 -11.50 -1.66 19.60
CA PRO A 431 -11.61 -1.48 21.04
C PRO A 431 -10.27 -1.27 21.77
N ASN A 432 -9.14 -1.61 21.13
CA ASN A 432 -7.88 -1.50 21.86
C ASN A 432 -7.29 -0.10 21.81
N TYR A 433 -8.06 0.87 21.33
CA TYR A 433 -7.57 2.25 21.20
C TYR A 433 -7.20 2.88 22.54
N LYS A 434 -7.75 2.36 23.64
CA LYS A 434 -7.46 2.88 24.97
C LYS A 434 -5.97 2.87 25.27
N ASP A 435 -5.28 1.79 24.90
CA ASP A 435 -3.85 1.69 25.13
C ASP A 435 -2.99 1.96 23.88
N ILE A 436 -3.62 1.94 22.70
CA ILE A 436 -2.88 2.17 21.45
C ILE A 436 -3.42 3.44 20.80
N ASN A 437 -2.75 4.55 21.01
CA ASN A 437 -3.19 5.81 20.44
C ASN A 437 -2.05 6.78 20.39
N VAL A 438 -2.19 7.80 19.55
CA VAL A 438 -1.11 8.73 19.28
C VAL A 438 -0.71 9.49 20.53
N GLU A 439 -1.69 9.95 21.30
CA GLU A 439 -1.39 10.75 22.49
C GLU A 439 -0.52 9.95 23.45
N ASN A 440 -0.89 8.70 23.69
CA ASN A 440 -0.12 7.86 24.59
C ASN A 440 1.27 7.59 24.01
N ALA A 441 1.37 7.35 22.71
CA ALA A 441 2.68 7.10 22.10
C ALA A 441 3.61 8.32 22.21
N LEU A 442 3.05 9.52 22.01
CA LEU A 442 3.88 10.72 22.11
C LEU A 442 4.36 10.99 23.54
N ALA A 443 3.59 10.53 24.52
CA ALA A 443 3.94 10.75 25.92
C ALA A 443 5.03 9.80 26.38
N ASP A 444 5.26 8.72 25.64
CA ASP A 444 6.19 7.68 26.06
C ASP A 444 7.41 7.68 25.14
N PRO A 445 8.56 8.10 25.67
CA PRO A 445 9.74 8.16 24.80
C PRO A 445 10.18 6.80 24.27
N ASN A 446 9.73 5.70 24.87
CA ASN A 446 10.11 4.37 24.41
C ASN A 446 9.09 3.82 23.42
N SER A 447 8.17 4.68 22.96
CA SER A 447 7.08 4.23 22.11
C SER A 447 7.53 3.93 20.67
N ILE A 448 6.66 3.23 19.94
CA ILE A 448 6.93 2.84 18.57
C ILE A 448 7.09 4.09 17.70
N PHE A 449 6.35 5.13 18.03
CA PHE A 449 6.40 6.36 17.26
C PHE A 449 7.82 6.96 17.20
N TYR A 450 8.52 7.01 18.32
CA TYR A 450 9.86 7.59 18.32
C TYR A 450 10.87 6.71 17.59
N THR A 451 10.60 5.40 17.53
CA THR A 451 11.44 4.54 16.72
C THR A 451 11.29 4.92 15.25
N TYR A 452 10.05 5.06 14.79
CA TYR A 452 9.82 5.52 13.42
C TYR A 452 10.43 6.91 13.17
N GLN A 453 10.20 7.86 14.07
CA GLN A 453 10.74 9.20 13.89
C GLN A 453 12.26 9.14 13.78
N LYS A 454 12.88 8.30 14.59
CA LYS A 454 14.33 8.21 14.59
C LYS A 454 14.87 7.60 13.29
N LEU A 455 14.19 6.57 12.81
CA LEU A 455 14.56 5.91 11.55
C LEU A 455 14.45 6.86 10.37
N ILE A 456 13.42 7.69 10.39
CA ILE A 456 13.23 8.67 9.34
C ILE A 456 14.38 9.70 9.37
N LYS A 457 14.70 10.17 10.57
CA LYS A 457 15.79 11.14 10.72
C LYS A 457 17.12 10.55 10.25
N LEU A 458 17.39 9.30 10.63
CA LEU A 458 18.60 8.64 10.19
C LEU A 458 18.69 8.61 8.68
N ARG A 459 17.58 8.27 8.02
CA ARG A 459 17.57 8.22 6.57
C ARG A 459 17.83 9.62 5.98
N HIS A 460 17.18 10.65 6.51
CA HIS A 460 17.32 12.01 5.99
C HIS A 460 18.76 12.52 6.15
N GLU A 461 19.50 11.99 7.12
CA GLU A 461 20.77 12.63 7.49
C GLU A 461 21.99 11.78 7.20
N ASN A 462 21.79 10.57 6.68
CA ASN A 462 22.91 9.66 6.42
C ASN A 462 22.82 9.00 5.06
N PRO A 463 23.64 9.46 4.10
CA PRO A 463 23.63 8.92 2.75
C PRO A 463 23.74 7.39 2.64
N ILE A 464 24.38 6.77 3.62
CA ILE A 464 24.54 5.33 3.60
C ILE A 464 23.17 4.61 3.61
N VAL A 465 22.21 5.16 4.35
CA VAL A 465 20.85 4.62 4.39
C VAL A 465 20.16 4.74 3.01
N VAL A 466 20.46 5.81 2.28
CA VAL A 466 19.83 6.10 0.99
C VAL A 466 20.49 5.35 -0.15
N ASP A 467 21.81 5.44 -0.23
CA ASP A 467 22.57 4.93 -1.36
C ASP A 467 23.51 3.77 -1.05
N GLY A 468 23.58 3.34 0.20
CA GLY A 468 24.48 2.25 0.54
C GLY A 468 24.06 0.96 -0.10
N ASP A 469 25.04 0.14 -0.47
CA ASP A 469 24.75 -1.21 -0.92
C ASP A 469 24.21 -2.06 0.22
N PHE A 470 23.42 -3.07 -0.13
CA PHE A 470 22.94 -4.06 0.82
C PHE A 470 23.82 -5.31 0.68
N SER A 471 24.26 -5.86 1.81
CA SER A 471 25.02 -7.09 1.80
C SER A 471 24.56 -7.99 2.92
N LEU A 472 24.09 -9.18 2.56
CA LEU A 472 23.59 -10.12 3.54
C LEU A 472 24.70 -10.69 4.42
N VAL A 473 24.48 -10.70 5.72
CA VAL A 473 25.32 -11.50 6.61
C VAL A 473 25.02 -12.98 6.35
N SER A 474 26.04 -13.72 5.95
CA SER A 474 25.88 -15.13 5.59
C SER A 474 25.62 -16.02 6.79
N ASN A 475 24.90 -17.11 6.54
CA ASN A 475 24.82 -18.26 7.43
C ASN A 475 24.23 -17.97 8.79
N THR A 476 23.21 -17.12 8.86
CA THR A 476 22.46 -16.97 10.10
C THR A 476 21.28 -17.93 10.08
N GLN A 477 20.69 -18.14 11.24
CA GLN A 477 19.41 -18.85 11.37
C GLN A 477 18.38 -18.29 10.39
N ASP A 478 17.43 -19.12 9.99
CA ASP A 478 16.31 -18.71 9.19
C ASP A 478 15.53 -17.60 9.84
N ALA A 479 15.44 -17.61 11.17
CA ALA A 479 14.65 -16.61 11.87
C ALA A 479 15.43 -15.32 12.16
N VAL A 480 16.69 -15.25 11.76
CA VAL A 480 17.49 -14.06 11.98
C VAL A 480 17.83 -13.42 10.64
N LEU A 481 17.51 -12.14 10.50
CA LEU A 481 17.89 -11.38 9.34
C LEU A 481 18.91 -10.36 9.77
N ALA A 482 20.11 -10.46 9.21
CA ALA A 482 21.17 -9.50 9.51
C ALA A 482 21.85 -9.12 8.21
N TYR A 483 22.18 -7.85 8.07
CA TYR A 483 22.73 -7.34 6.83
C TYR A 483 23.51 -6.06 7.05
N TYR A 484 24.41 -5.77 6.10
CA TYR A 484 25.11 -4.50 6.09
C TYR A 484 24.52 -3.53 5.05
N ARG A 485 24.60 -2.25 5.36
CA ARG A 485 24.57 -1.21 4.33
C ARG A 485 26.01 -0.68 4.23
N ILE A 486 26.49 -0.51 3.01
CA ILE A 486 27.89 -0.18 2.79
C ILE A 486 27.99 0.99 1.82
N LEU A 487 28.61 2.09 2.24
CA LEU A 487 28.82 3.23 1.34
C LEU A 487 30.29 3.67 1.45
N ASN A 488 31.03 3.45 0.38
CA ASN A 488 32.48 3.72 0.40
C ASN A 488 33.13 2.97 1.54
N ASP A 489 33.73 3.69 2.47
CA ASP A 489 34.44 3.06 3.57
C ASP A 489 33.58 2.92 4.84
N LYS A 490 32.31 3.33 4.78
CA LYS A 490 31.43 3.24 5.95
C LYS A 490 30.49 2.04 5.84
N LYS A 491 30.19 1.44 6.99
CA LYS A 491 29.45 0.20 7.00
C LYS A 491 28.60 0.15 8.27
N TRP A 492 27.29 -0.04 8.08
CA TRP A 492 26.34 -0.21 9.19
C TRP A 492 25.82 -1.64 9.16
N LEU A 493 25.62 -2.22 10.34
CA LEU A 493 25.11 -3.57 10.49
C LEU A 493 23.73 -3.51 11.14
N VAL A 494 22.78 -4.21 10.52
CA VAL A 494 21.44 -4.36 11.10
C VAL A 494 21.29 -5.81 11.48
N VAL A 495 20.83 -6.06 12.70
CA VAL A 495 20.58 -7.42 13.19
C VAL A 495 19.15 -7.50 13.71
N ALA A 496 18.40 -8.48 13.22
CA ALA A 496 16.99 -8.62 13.59
C ALA A 496 16.56 -10.07 13.82
N ASN A 497 15.89 -10.29 14.94
CA ASN A 497 15.15 -11.51 15.21
C ASN A 497 13.71 -11.37 14.69
N LEU A 498 13.38 -12.14 13.65
CA LEU A 498 12.08 -12.08 13.01
C LEU A 498 11.03 -12.85 13.80
N SER A 499 11.49 -13.56 14.83
CA SER A 499 10.66 -14.54 15.56
C SER A 499 10.37 -14.10 16.99
N ASN A 500 9.39 -14.76 17.59
CA ASN A 500 9.03 -14.50 18.98
C ASN A 500 9.82 -15.33 19.99
N GLU A 501 10.89 -15.97 19.55
CA GLU A 501 11.71 -16.77 20.46
C GLU A 501 13.20 -16.51 20.27
N GLU A 502 13.96 -16.88 21.29
CA GLU A 502 15.38 -16.53 21.32
C GLU A 502 16.14 -17.17 20.19
N GLN A 503 17.12 -16.42 19.66
CA GLN A 503 17.91 -16.87 18.54
C GLN A 503 19.36 -16.49 18.76
N ASN A 504 20.26 -17.42 18.44
CA ASN A 504 21.70 -17.19 18.52
C ASN A 504 22.21 -16.34 17.35
N PHE A 505 23.18 -15.47 17.61
CA PHE A 505 23.80 -14.71 16.53
C PHE A 505 25.28 -14.57 16.83
N VAL A 506 26.10 -14.75 15.80
CA VAL A 506 27.54 -14.73 15.94
C VAL A 506 28.16 -13.78 14.90
N SER A 507 29.11 -12.95 15.35
CA SER A 507 29.76 -11.95 14.50
C SER A 507 31.10 -11.47 15.07
N ASN A 508 32.09 -11.28 14.20
CA ASN A 508 33.39 -10.76 14.62
C ASN A 508 33.48 -9.25 14.46
N ASP A 509 32.40 -8.64 13.97
CA ASP A 509 32.36 -7.19 13.85
C ASP A 509 32.45 -6.53 15.20
N GLN A 510 33.18 -5.43 15.27
CA GLN A 510 33.15 -4.58 16.44
C GLN A 510 32.16 -3.49 16.10
N ILE A 511 31.31 -3.14 17.05
CA ILE A 511 30.17 -2.29 16.73
C ILE A 511 29.99 -1.18 17.72
N GLU A 512 29.35 -0.12 17.25
CA GLU A 512 28.78 0.88 18.14
C GLU A 512 27.29 0.99 17.81
N THR A 513 26.44 0.67 18.77
CA THR A 513 25.02 0.66 18.51
C THR A 513 24.41 2.05 18.40
N ILE A 514 23.56 2.23 17.40
CA ILE A 514 22.85 3.47 17.09
C ILE A 514 21.41 3.46 17.58
N LEU A 515 20.77 2.30 17.52
CA LEU A 515 19.35 2.23 17.82
C LEU A 515 19.00 0.78 18.08
N SER A 516 18.20 0.55 19.11
CA SER A 516 17.70 -0.81 19.39
C SER A 516 16.33 -0.76 20.03
N ASN A 517 15.61 -1.88 19.93
CA ASN A 517 14.35 -2.01 20.66
C ASN A 517 14.51 -2.74 22.00
N TYR A 518 15.76 -3.05 22.34
CA TYR A 518 16.13 -3.56 23.65
C TYR A 518 17.32 -2.75 24.18
N PRO A 519 17.78 -3.04 25.41
CA PRO A 519 18.98 -2.30 25.83
C PRO A 519 20.15 -2.53 24.89
N GLU A 520 20.91 -1.47 24.62
CA GLU A 520 21.95 -1.49 23.61
C GLU A 520 23.12 -2.41 23.96
N ARG A 521 23.64 -3.08 22.94
CA ARG A 521 24.77 -3.97 23.09
C ARG A 521 26.04 -3.30 22.57
N ASN A 522 27.17 -3.76 23.08
CA ASN A 522 28.48 -3.24 22.67
C ASN A 522 29.30 -4.34 22.00
N ASN A 523 28.72 -5.51 21.82
CA ASN A 523 29.34 -6.50 20.99
C ASN A 523 28.34 -7.56 20.60
N VAL A 524 28.69 -8.34 19.59
CA VAL A 524 27.80 -9.31 18.98
C VAL A 524 28.56 -10.61 18.73
N GLN A 525 29.62 -10.84 19.50
CA GLN A 525 30.49 -11.98 19.28
C GLN A 525 29.72 -13.29 19.36
N ASN A 526 28.94 -13.43 20.40
CA ASN A 526 28.13 -14.63 20.58
C ASN A 526 26.99 -14.25 21.52
N ILE A 527 25.83 -13.99 20.94
CA ILE A 527 24.73 -13.44 21.71
C ILE A 527 23.46 -14.23 21.49
N THR A 528 22.54 -14.04 22.42
CA THR A 528 21.21 -14.59 22.30
C THR A 528 20.23 -13.45 22.11
N LEU A 529 19.67 -13.35 20.91
CA LEU A 529 18.69 -12.31 20.65
C LEU A 529 17.40 -12.62 21.40
N LYS A 530 16.89 -11.63 22.11
CA LYS A 530 15.58 -11.71 22.71
C LYS A 530 14.51 -11.71 21.61
N PRO A 531 13.26 -12.05 21.97
CA PRO A 531 12.18 -12.05 20.97
C PRO A 531 12.04 -10.72 20.24
N TYR A 532 12.03 -10.77 18.90
CA TYR A 532 11.93 -9.58 18.07
C TYR A 532 13.05 -8.56 18.27
N GLU A 533 14.14 -8.96 18.92
CA GLU A 533 15.19 -8.01 19.18
C GLU A 533 15.82 -7.54 17.86
N ALA A 534 15.98 -6.24 17.71
CA ALA A 534 16.51 -5.70 16.47
C ALA A 534 17.27 -4.41 16.73
N PHE A 535 18.40 -4.25 16.06
CA PHE A 535 19.19 -3.06 16.29
C PHE A 535 20.09 -2.70 15.11
N ILE A 536 20.51 -1.44 15.12
CA ILE A 536 21.35 -0.88 14.08
C ILE A 536 22.66 -0.45 14.72
N SER A 537 23.79 -0.80 14.11
CA SER A 537 25.11 -0.53 14.65
C SER A 537 26.07 -0.01 13.57
N LYS A 538 26.93 0.93 13.91
CA LYS A 538 28.07 1.27 13.06
C LYS A 538 29.12 0.19 13.21
N VAL A 539 29.69 -0.28 12.11
CA VAL A 539 30.73 -1.27 12.19
C VAL A 539 32.08 -0.56 12.21
N ILE A 540 32.91 -0.91 13.19
CA ILE A 540 34.19 -0.24 13.44
C ILE A 540 35.33 -0.95 12.75
#